data_4BS5
#
_entry.id   4BS5
#
_cell.length_a   74.640
_cell.length_b   66.790
_cell.length_c   54.320
_cell.angle_alpha   90.00
_cell.angle_beta   114.06
_cell.angle_gamma   90.00
#
_symmetry.space_group_name_H-M   'C 1 2 1'
#
loop_
_entity.id
_entity.type
_entity.pdbx_description
1 polymer 'CATHEPSIN S'
2 non-polymer (2S,4R)-N-[1-(iminomethyl)cyclopropyl]-4-[2-(trifluoromethyl)phenyl]sulfonyl-pyrrolidine-2-carboxamide
3 water water
#
_entity_poly.entity_id   1
_entity_poly.type   'polypeptide(L)'
_entity_poly.pdbx_seq_one_letter_code
;RSYSNRTLPDTVDWREKGCVTEVKYQGSCGACWAFSAVGALEGQLKLKTGKLISLSAQNLVDCSNEEKYGNKGCGGGYMT
EAFQYIIDNGGIEADASYPYKAMDEKCHYNSKNRAATCSRYIQLPFGDEDALKEAVATKGPVSVGIDASHSSFFFYKSGV
YDDPSCTGNVNHGVLVVGYGTLDGKDYWLVKNSWGLNFGDQGYIRMARNNKNHCGIASYCSYPEI
;
_entity_poly.pdbx_strand_id   A
#
loop_
_chem_comp.id
_chem_comp.type
_chem_comp.name
_chem_comp.formula
MG2 non-polymer (2S,4R)-N-[1-(iminomethyl)cyclopropyl]-4-[2-(trifluoromethyl)phenyl]sulfonyl-pyrrolidine-2-carboxamide 'C16 H18 F3 N3 O3 S'
#
# COMPACT_ATOMS: atom_id res chain seq x y z
N THR A 7 -15.71 13.52 -15.92
CA THR A 7 -15.49 12.11 -16.32
C THR A 7 -14.10 11.69 -15.85
N LEU A 8 -13.96 10.44 -15.44
CA LEU A 8 -12.68 9.90 -14.97
C LEU A 8 -11.89 9.30 -16.12
N PRO A 9 -10.55 9.38 -16.05
CA PRO A 9 -9.73 8.75 -17.07
C PRO A 9 -9.95 7.25 -17.14
N ASP A 10 -9.79 6.68 -18.34
CA ASP A 10 -10.01 5.25 -18.53
C ASP A 10 -8.88 4.44 -17.90
N THR A 11 -7.69 5.03 -17.91
CA THR A 11 -6.49 4.38 -17.40
C THR A 11 -5.71 5.36 -16.54
N VAL A 12 -5.17 4.85 -15.42
CA VAL A 12 -4.33 5.64 -14.50
C VAL A 12 -3.14 4.75 -14.14
N ASP A 13 -1.95 5.37 -14.08
CA ASP A 13 -0.76 4.69 -13.59
C ASP A 13 0.14 5.77 -12.98
N TRP A 14 0.09 5.88 -11.65
CA TRP A 14 0.86 6.87 -10.93
C TRP A 14 2.38 6.72 -11.11
N ARG A 15 2.82 5.56 -11.56
CA ARG A 15 4.25 5.41 -11.88
C ARG A 15 4.68 6.39 -12.97
N GLU A 16 3.75 6.65 -13.88
CA GLU A 16 4.04 7.51 -15.03
C GLU A 16 4.15 8.97 -14.63
N LYS A 17 3.63 9.32 -13.44
CA LYS A 17 3.71 10.67 -12.90
C LYS A 17 4.82 10.80 -11.83
N GLY A 18 5.67 9.78 -11.70
CA GLY A 18 6.79 9.80 -10.78
C GLY A 18 6.37 9.81 -9.32
N CYS A 19 5.22 9.22 -8.99
CA CYS A 19 4.61 9.23 -7.63
C CYS A 19 4.78 7.91 -6.89
N VAL A 20 5.49 6.96 -7.50
CA VAL A 20 5.64 5.62 -6.92
C VAL A 20 7.11 5.29 -6.77
N THR A 21 7.57 4.94 -5.58
CA THR A 21 8.98 4.61 -5.36
C THR A 21 9.32 3.19 -5.82
N GLU A 22 10.60 2.83 -5.80
CA GLU A 22 11.00 1.48 -6.12
C GLU A 22 10.30 0.44 -5.22
N VAL A 23 10.12 -0.73 -5.78
CA VAL A 23 9.50 -1.84 -5.09
C VAL A 23 10.45 -2.32 -3.99
N LYS A 24 9.88 -2.54 -2.80
CA LYS A 24 10.59 -3.01 -1.64
C LYS A 24 10.38 -4.52 -1.38
N TYR A 25 11.25 -5.07 -0.54
CA TYR A 25 11.22 -6.48 -0.21
C TYR A 25 11.07 -6.67 1.30
N GLN A 26 9.90 -7.09 1.73
CA GLN A 26 9.59 -7.18 3.17
C GLN A 26 10.31 -8.32 3.90
N GLY A 27 10.70 -9.37 3.18
CA GLY A 27 11.39 -10.51 3.80
C GLY A 27 10.42 -11.30 4.66
N SER A 28 10.95 -11.87 5.75
N SER A 28 10.92 -11.87 5.74
CA SER A 28 10.15 -12.68 6.68
CA SER A 28 10.08 -12.66 6.62
C SER A 28 9.35 -11.88 7.73
C SER A 28 9.58 -11.88 7.84
N CYS A 29 9.42 -10.57 7.68
CA CYS A 29 8.75 -9.71 8.65
C CYS A 29 7.36 -9.37 8.07
N GLY A 30 6.35 -9.48 8.92
CA GLY A 30 4.99 -9.18 8.53
C GLY A 30 4.68 -7.69 8.46
N ALA A 31 5.37 -7.03 7.51
CA ALA A 31 5.37 -5.55 7.43
C ALA A 31 4.61 -5.04 6.20
N CYS A 32 3.83 -5.90 5.58
CA CYS A 32 3.02 -5.48 4.41
C CYS A 32 2.26 -4.17 4.66
N TRP A 33 1.66 -4.06 5.84
CA TRP A 33 0.86 -2.90 6.26
C TRP A 33 1.71 -1.64 6.27
N ALA A 34 2.94 -1.76 6.75
CA ALA A 34 3.83 -0.64 6.82
C ALA A 34 4.30 -0.19 5.43
N PHE A 35 4.58 -1.15 4.54
CA PHE A 35 4.94 -0.80 3.14
C PHE A 35 3.73 -0.19 2.45
N SER A 36 2.54 -0.75 2.64
CA SER A 36 1.39 -0.13 2.04
C SER A 36 1.17 1.30 2.50
N ALA A 37 1.28 1.51 3.82
CA ALA A 37 1.12 2.86 4.35
C ALA A 37 2.13 3.85 3.81
N VAL A 38 3.43 3.50 3.87
CA VAL A 38 4.46 4.44 3.38
C VAL A 38 4.28 4.69 1.88
N GLY A 39 3.87 3.68 1.14
CA GLY A 39 3.66 3.88 -0.28
C GLY A 39 2.55 4.88 -0.58
N ALA A 40 1.46 4.86 0.18
CA ALA A 40 0.43 5.87 -0.01
C ALA A 40 0.97 7.26 0.35
N LEU A 41 1.67 7.36 1.48
CA LEU A 41 2.20 8.67 1.90
C LEU A 41 3.29 9.21 0.93
N GLU A 42 4.13 8.34 0.39
CA GLU A 42 5.11 8.71 -0.67
C GLU A 42 4.40 9.36 -1.85
N GLY A 43 3.23 8.84 -2.24
CA GLY A 43 2.49 9.41 -3.35
C GLY A 43 2.06 10.85 -3.06
N GLN A 44 1.51 11.01 -1.86
CA GLN A 44 1.07 12.33 -1.41
C GLN A 44 2.25 13.29 -1.26
N LEU A 45 3.37 12.82 -0.75
CA LEU A 45 4.53 13.66 -0.60
C LEU A 45 5.01 14.16 -1.94
N LYS A 46 4.97 13.30 -2.96
CA LYS A 46 5.38 13.73 -4.31
C LYS A 46 4.39 14.73 -4.88
N LEU A 47 3.09 14.47 -4.68
CA LEU A 47 2.07 15.38 -5.19
C LEU A 47 2.10 16.76 -4.54
N LYS A 48 2.55 16.84 -3.29
CA LYS A 48 2.62 18.13 -2.54
C LYS A 48 3.94 18.85 -2.78
N THR A 49 5.05 18.14 -2.60
CA THR A 49 6.39 18.76 -2.64
C THR A 49 7.12 18.69 -3.97
N GLY A 50 6.73 17.73 -4.80
CA GLY A 50 7.49 17.44 -6.02
C GLY A 50 8.68 16.51 -5.87
N LYS A 51 8.93 15.98 -4.68
CA LYS A 51 10.04 15.07 -4.47
C LYS A 51 9.52 13.67 -4.25
N LEU A 52 10.18 12.70 -4.85
CA LEU A 52 9.87 11.29 -4.66
C LEU A 52 10.90 10.70 -3.71
N ILE A 53 10.45 10.37 -2.49
N ILE A 53 10.49 10.33 -2.51
CA ILE A 53 11.31 9.90 -1.41
CA ILE A 53 11.44 9.78 -1.56
C ILE A 53 10.75 8.59 -0.83
C ILE A 53 10.83 8.65 -0.76
N SER A 54 11.57 7.54 -0.66
CA SER A 54 11.09 6.34 0.03
C SER A 54 11.05 6.63 1.51
N LEU A 55 9.90 6.35 2.14
CA LEU A 55 9.66 6.66 3.57
C LEU A 55 9.85 5.39 4.37
N SER A 56 10.14 5.56 5.67
CA SER A 56 10.58 4.45 6.51
C SER A 56 9.49 3.49 7.02
N ALA A 57 9.39 2.32 6.39
CA ALA A 57 8.54 1.26 6.89
C ALA A 57 9.03 0.82 8.26
N GLN A 58 10.34 0.81 8.48
CA GLN A 58 10.89 0.40 9.75
C GLN A 58 10.47 1.35 10.90
N ASN A 59 10.39 2.64 10.61
CA ASN A 59 9.93 3.60 11.60
C ASN A 59 8.55 3.20 12.07
N LEU A 60 7.70 2.74 11.16
CA LEU A 60 6.35 2.28 11.56
C LEU A 60 6.38 1.00 12.39
N VAL A 61 7.18 0.03 11.93
CA VAL A 61 7.32 -1.26 12.60
C VAL A 61 7.81 -1.05 14.04
N ASP A 62 8.83 -0.24 14.25
CA ASP A 62 9.45 -0.09 15.58
C ASP A 62 8.62 0.73 16.54
N CYS A 63 7.88 1.70 16.02
CA CYS A 63 7.36 2.79 16.85
C CYS A 63 5.85 2.75 17.12
N SER A 64 5.13 1.84 16.45
CA SER A 64 3.67 1.72 16.64
C SER A 64 3.26 0.35 17.15
N ASN A 65 4.23 -0.40 17.66
CA ASN A 65 4.02 -1.77 18.16
C ASN A 65 3.55 -1.75 19.61
N GLU A 66 2.28 -1.39 19.79
CA GLU A 66 1.67 -1.25 21.11
C GLU A 66 0.15 -1.19 20.96
N GLU A 67 -0.57 -1.42 22.06
CA GLU A 67 -2.04 -1.50 22.02
C GLU A 67 -2.71 -0.21 21.60
N LYS A 68 -2.09 0.93 21.85
CA LYS A 68 -2.61 2.22 21.42
C LYS A 68 -2.97 2.20 19.93
N TYR A 69 -2.12 1.55 19.13
CA TYR A 69 -2.32 1.44 17.67
C TYR A 69 -2.85 0.08 17.24
N GLY A 70 -2.64 -0.96 18.03
CA GLY A 70 -2.96 -2.32 17.64
C GLY A 70 -2.20 -2.86 16.44
N ASN A 71 -1.02 -2.29 16.20
CA ASN A 71 0.00 -2.84 15.29
C ASN A 71 0.94 -3.69 16.12
N LYS A 72 1.54 -4.69 15.47
CA LYS A 72 2.40 -5.67 16.15
C LYS A 72 3.76 -5.82 15.44
N GLY A 73 4.23 -4.75 14.81
CA GLY A 73 5.53 -4.79 14.14
C GLY A 73 5.56 -5.85 13.07
N CYS A 74 6.50 -6.77 13.17
CA CYS A 74 6.62 -7.86 12.21
C CYS A 74 5.53 -8.91 12.37
N GLY A 75 4.68 -8.74 13.38
CA GLY A 75 3.52 -9.59 13.57
C GLY A 75 2.27 -9.11 12.86
N GLY A 76 2.35 -8.02 12.10
CA GLY A 76 1.23 -7.53 11.31
C GLY A 76 0.68 -6.25 11.89
N GLY A 77 -0.20 -5.61 11.14
CA GLY A 77 -0.71 -4.28 11.52
C GLY A 77 -1.69 -3.76 10.49
N TYR A 78 -2.07 -2.49 10.64
CA TYR A 78 -3.09 -1.83 9.84
C TYR A 78 -2.56 -0.51 9.31
N MET A 79 -2.90 -0.24 8.04
CA MET A 79 -2.45 1.01 7.37
C MET A 79 -3.04 2.24 8.07
N THR A 80 -4.32 2.18 8.42
CA THR A 80 -4.91 3.39 9.05
C THR A 80 -4.28 3.72 10.41
N GLU A 81 -3.81 2.68 11.11
CA GLU A 81 -3.15 2.89 12.40
C GLU A 81 -1.72 3.38 12.19
N ALA A 82 -1.05 2.93 11.10
CA ALA A 82 0.20 3.57 10.65
C ALA A 82 -0.01 5.06 10.45
N PHE A 83 -1.03 5.43 9.70
CA PHE A 83 -1.25 6.85 9.46
C PHE A 83 -1.48 7.56 10.81
N GLN A 84 -2.28 6.96 11.71
CA GLN A 84 -2.58 7.59 13.01
C GLN A 84 -1.29 7.79 13.80
N TYR A 85 -0.39 6.81 13.79
CA TYR A 85 0.90 7.02 14.42
C TYR A 85 1.60 8.23 13.85
N ILE A 86 1.63 8.37 12.53
CA ILE A 86 2.40 9.46 11.93
C ILE A 86 1.80 10.81 12.34
N ILE A 87 0.48 10.86 12.40
CA ILE A 87 -0.23 12.03 12.90
C ILE A 87 0.17 12.35 14.35
N ASP A 88 0.05 11.36 15.23
CA ASP A 88 0.36 11.51 16.66
C ASP A 88 1.80 11.90 16.89
N ASN A 89 2.68 11.29 16.12
CA ASN A 89 4.13 11.46 16.24
C ASN A 89 4.61 12.77 15.64
N GLY A 90 3.80 13.39 14.80
CA GLY A 90 4.23 14.62 14.12
C GLY A 90 5.23 14.37 12.99
N GLY A 91 5.42 13.12 12.56
CA GLY A 91 6.29 12.92 11.40
C GLY A 91 6.70 11.47 11.23
N ILE A 92 7.43 11.25 10.13
CA ILE A 92 8.03 9.96 9.84
C ILE A 92 9.34 10.26 9.12
N GLU A 93 10.34 9.40 9.33
CA GLU A 93 11.62 9.54 8.63
C GLU A 93 11.61 8.91 7.24
N ALA A 94 12.62 9.28 6.43
CA ALA A 94 12.94 8.62 5.16
C ALA A 94 13.58 7.29 5.44
N ASP A 95 13.40 6.38 4.50
CA ASP A 95 14.11 5.11 4.47
C ASP A 95 15.63 5.31 4.59
N ALA A 96 16.15 6.36 3.97
CA ALA A 96 17.58 6.57 3.95
C ALA A 96 18.14 6.77 5.37
N SER A 97 17.39 7.47 6.23
CA SER A 97 17.91 7.70 7.60
C SER A 97 17.40 6.69 8.61
N TYR A 98 16.41 5.87 8.24
CA TYR A 98 15.79 4.90 9.14
C TYR A 98 15.51 3.63 8.29
N PRO A 99 16.58 2.90 7.91
CA PRO A 99 16.42 1.82 6.95
C PRO A 99 15.77 0.55 7.45
N TYR A 100 15.34 -0.28 6.49
CA TYR A 100 14.57 -1.46 6.83
C TYR A 100 15.43 -2.62 7.29
N LYS A 101 15.01 -3.26 8.38
CA LYS A 101 15.77 -4.33 9.06
C LYS A 101 15.02 -5.66 9.06
N ALA A 102 13.75 -5.63 8.68
CA ALA A 102 12.89 -6.83 8.71
C ALA A 102 12.85 -7.54 10.07
N MET A 103 12.97 -6.77 11.16
CA MET A 103 12.83 -7.29 12.53
C MET A 103 12.31 -6.15 13.40
N ASP A 104 11.75 -6.50 14.53
CA ASP A 104 11.31 -5.48 15.48
C ASP A 104 12.55 -4.91 16.14
N GLU A 105 12.55 -3.59 16.28
CA GLU A 105 13.64 -2.85 16.93
C GLU A 105 13.04 -1.78 17.83
N LYS A 106 13.86 -1.34 18.76
CA LYS A 106 13.49 -0.22 19.59
C LYS A 106 13.32 1.02 18.71
N CYS A 107 12.25 1.77 18.97
CA CYS A 107 11.98 2.99 18.25
C CYS A 107 13.15 3.98 18.41
N HIS A 108 13.68 4.51 17.33
CA HIS A 108 14.64 5.62 17.44
C HIS A 108 14.32 6.76 16.47
N TYR A 109 13.04 7.10 16.39
CA TYR A 109 12.60 8.24 15.64
C TYR A 109 13.23 9.50 16.18
N ASN A 110 13.69 10.31 15.25
CA ASN A 110 14.29 11.60 15.57
C ASN A 110 13.68 12.67 14.69
N SER A 111 13.03 13.66 15.29
CA SER A 111 12.34 14.71 14.54
C SER A 111 13.25 15.55 13.63
N LYS A 112 14.56 15.60 13.91
CA LYS A 112 15.46 16.35 13.02
C LYS A 112 15.52 15.67 11.63
N ASN A 113 15.24 14.36 11.62
CA ASN A 113 15.18 13.57 10.39
C ASN A 113 13.77 13.36 9.82
N ARG A 114 12.79 14.14 10.26
CA ARG A 114 11.45 14.12 9.68
C ARG A 114 11.57 14.39 8.18
N ALA A 115 10.91 13.54 7.39
CA ALA A 115 10.83 13.68 5.92
C ALA A 115 9.40 13.81 5.36
N ALA A 116 8.41 13.64 6.22
CA ALA A 116 7.04 13.76 5.81
C ALA A 116 6.20 13.83 7.04
N THR A 117 4.97 14.27 6.83
CA THR A 117 3.98 14.43 7.89
C THR A 117 2.65 13.85 7.40
N CYS A 118 1.70 13.67 8.32
CA CYS A 118 0.37 13.26 7.99
C CYS A 118 -0.56 14.03 8.88
N SER A 119 -1.53 14.70 8.28
CA SER A 119 -2.49 15.52 9.03
C SER A 119 -3.77 14.77 9.36
N ARG A 120 -4.15 13.89 8.45
CA ARG A 120 -5.39 13.16 8.53
C ARG A 120 -5.36 12.01 7.53
N TYR A 121 -6.37 11.14 7.58
CA TYR A 121 -6.53 10.12 6.55
C TYR A 121 -7.99 9.91 6.24
N ILE A 122 -8.27 9.31 5.10
CA ILE A 122 -9.61 9.13 4.57
C ILE A 122 -9.81 7.65 4.34
N GLN A 123 -10.98 7.17 4.72
CA GLN A 123 -11.39 5.80 4.47
C GLN A 123 -12.54 5.82 3.47
N LEU A 124 -12.48 4.96 2.46
CA LEU A 124 -13.49 4.90 1.43
C LEU A 124 -14.57 3.92 1.86
N PRO A 125 -15.77 4.06 1.29
CA PRO A 125 -16.86 3.14 1.63
C PRO A 125 -16.52 1.68 1.33
N PHE A 126 -16.83 0.83 2.31
CA PHE A 126 -16.57 -0.61 2.24
C PHE A 126 -17.18 -1.24 0.97
N GLY A 127 -16.28 -1.80 0.14
CA GLY A 127 -16.69 -2.59 -1.02
C GLY A 127 -16.98 -1.77 -2.25
N ASP A 128 -16.73 -0.47 -2.20
CA ASP A 128 -17.16 0.45 -3.27
C ASP A 128 -16.03 0.69 -4.29
N GLU A 129 -16.07 -0.08 -5.36
CA GLU A 129 -15.02 -0.01 -6.38
C GLU A 129 -15.09 1.28 -7.18
N ASP A 130 -16.29 1.85 -7.33
CA ASP A 130 -16.43 3.17 -7.98
C ASP A 130 -15.71 4.25 -7.17
N ALA A 131 -15.84 4.19 -5.84
CA ALA A 131 -15.18 5.14 -4.98
C ALA A 131 -13.65 4.96 -5.05
N LEU A 132 -13.19 3.71 -5.07
CA LEU A 132 -11.78 3.43 -5.24
C LEU A 132 -11.24 3.99 -6.57
N LYS A 133 -12.03 3.86 -7.63
CA LYS A 133 -11.61 4.37 -8.93
C LYS A 133 -11.45 5.88 -8.88
N GLU A 134 -12.42 6.55 -8.25
CA GLU A 134 -12.40 8.00 -8.16
C GLU A 134 -11.23 8.47 -7.32
N ALA A 135 -10.97 7.78 -6.20
CA ALA A 135 -9.84 8.14 -5.35
C ALA A 135 -8.50 7.93 -6.07
N VAL A 136 -8.34 6.78 -6.70
CA VAL A 136 -7.11 6.55 -7.45
C VAL A 136 -6.88 7.62 -8.54
N ALA A 137 -7.95 7.99 -9.21
CA ALA A 137 -7.83 8.98 -10.30
C ALA A 137 -7.50 10.36 -9.82
N THR A 138 -8.15 10.76 -8.70
CA THR A 138 -8.13 12.14 -8.27
C THR A 138 -7.27 12.46 -7.02
N LYS A 139 -6.91 11.46 -6.23
CA LYS A 139 -6.15 11.66 -5.00
C LYS A 139 -4.73 11.15 -5.08
N GLY A 140 -4.55 9.93 -5.56
CA GLY A 140 -3.25 9.29 -5.58
C GLY A 140 -3.35 7.82 -5.31
N PRO A 141 -2.21 7.16 -5.12
CA PRO A 141 -2.17 5.79 -4.69
C PRO A 141 -2.96 5.59 -3.39
N VAL A 142 -3.66 4.45 -3.30
CA VAL A 142 -4.56 4.16 -2.17
C VAL A 142 -4.16 2.82 -1.54
N SER A 143 -4.04 2.81 -0.21
CA SER A 143 -3.75 1.60 0.55
C SER A 143 -5.00 0.75 0.59
N VAL A 144 -4.87 -0.55 0.36
CA VAL A 144 -6.02 -1.45 0.42
C VAL A 144 -5.56 -2.77 1.05
N GLY A 145 -6.54 -3.52 1.56
CA GLY A 145 -6.33 -4.88 1.96
C GLY A 145 -6.91 -5.81 0.93
N ILE A 146 -6.21 -6.93 0.74
CA ILE A 146 -6.68 -7.99 -0.16
C ILE A 146 -6.51 -9.37 0.46
N ASP A 147 -7.28 -10.32 -0.09
CA ASP A 147 -7.05 -11.72 0.14
C ASP A 147 -5.96 -12.18 -0.83
N ALA A 148 -4.77 -12.30 -0.27
CA ALA A 148 -3.56 -12.68 -1.01
C ALA A 148 -3.06 -14.03 -0.47
N SER A 149 -3.98 -14.90 -0.04
CA SER A 149 -3.65 -16.10 0.70
C SER A 149 -3.63 -17.35 -0.18
N HIS A 150 -3.91 -17.19 -1.46
CA HIS A 150 -3.99 -18.33 -2.39
C HIS A 150 -2.70 -18.43 -3.20
N SER A 151 -2.26 -19.68 -3.40
CA SER A 151 -1.02 -19.91 -4.13
C SER A 151 -1.03 -19.29 -5.53
N SER A 152 -2.20 -19.22 -6.18
CA SER A 152 -2.30 -18.60 -7.49
C SER A 152 -1.82 -17.14 -7.52
N PHE A 153 -1.91 -16.44 -6.37
CA PHE A 153 -1.39 -15.08 -6.28
C PHE A 153 0.11 -15.02 -6.56
N PHE A 154 0.83 -16.07 -6.16
CA PHE A 154 2.27 -16.15 -6.38
C PHE A 154 2.59 -16.89 -7.69
N PHE A 155 1.64 -17.64 -8.24
CA PHE A 155 1.81 -18.22 -9.58
C PHE A 155 1.74 -17.11 -10.64
N TYR A 156 0.97 -16.06 -10.35
CA TYR A 156 0.74 -14.96 -11.30
C TYR A 156 2.04 -14.38 -11.90
N LYS A 157 2.08 -14.23 -13.21
CA LYS A 157 3.13 -13.46 -13.87
C LYS A 157 2.64 -12.31 -14.75
N SER A 158 1.48 -12.43 -15.39
CA SER A 158 0.98 -11.41 -16.31
C SER A 158 -0.52 -11.60 -16.48
N GLY A 159 -1.19 -10.64 -17.09
CA GLY A 159 -2.63 -10.69 -17.31
C GLY A 159 -3.35 -10.11 -16.10
N VAL A 160 -4.60 -10.51 -15.93
CA VAL A 160 -5.43 -10.01 -14.85
C VAL A 160 -5.77 -11.15 -13.91
N TYR A 161 -5.29 -11.03 -12.68
CA TYR A 161 -5.55 -12.03 -11.64
C TYR A 161 -7.01 -12.03 -11.25
N ASP A 162 -7.66 -13.19 -11.36
CA ASP A 162 -9.10 -13.31 -11.12
C ASP A 162 -9.33 -14.79 -10.81
N ASP A 163 -8.80 -15.25 -9.69
CA ASP A 163 -8.92 -16.65 -9.27
C ASP A 163 -10.25 -16.80 -8.52
N PRO A 164 -11.11 -17.75 -8.95
CA PRO A 164 -12.40 -17.95 -8.26
C PRO A 164 -12.33 -18.37 -6.79
N SER A 165 -11.17 -18.82 -6.35
N SER A 165 -11.22 -18.96 -6.36
CA SER A 165 -10.98 -19.14 -4.94
CA SER A 165 -11.08 -19.46 -4.99
C SER A 165 -10.64 -17.93 -4.07
C SER A 165 -10.95 -18.31 -3.99
N CYS A 166 -10.49 -16.74 -4.66
N CYS A 166 -10.54 -17.14 -4.49
CA CYS A 166 -10.36 -15.57 -3.80
CA CYS A 166 -10.32 -15.94 -3.66
C CYS A 166 -11.63 -15.41 -2.98
C CYS A 166 -11.60 -15.39 -3.01
N THR A 167 -11.46 -14.82 -1.81
CA THR A 167 -12.56 -14.46 -0.94
C THR A 167 -12.51 -12.98 -0.53
N GLY A 168 -13.56 -12.55 0.17
CA GLY A 168 -13.57 -11.22 0.77
C GLY A 168 -12.82 -11.10 2.09
N ASN A 169 -12.23 -12.22 2.57
CA ASN A 169 -11.52 -12.24 3.83
C ASN A 169 -10.06 -11.83 3.61
N VAL A 170 -9.77 -10.55 3.83
CA VAL A 170 -8.49 -9.98 3.43
C VAL A 170 -7.43 -10.29 4.49
N ASN A 171 -6.19 -10.23 4.06
CA ASN A 171 -5.05 -10.58 4.93
C ASN A 171 -3.74 -9.85 4.65
N HIS A 172 -3.63 -9.12 3.54
CA HIS A 172 -2.40 -8.40 3.24
C HIS A 172 -2.67 -7.01 2.74
N GLY A 173 -1.91 -6.07 3.28
CA GLY A 173 -1.99 -4.68 2.84
C GLY A 173 -1.06 -4.45 1.64
N VAL A 174 -1.59 -3.76 0.62
CA VAL A 174 -0.84 -3.47 -0.63
C VAL A 174 -1.23 -2.09 -1.08
N LEU A 175 -0.75 -1.67 -2.24
CA LEU A 175 -0.96 -0.31 -2.70
C LEU A 175 -1.55 -0.32 -4.09
N VAL A 176 -2.69 0.32 -4.30
CA VAL A 176 -3.27 0.51 -5.63
C VAL A 176 -2.70 1.78 -6.23
N VAL A 177 -1.93 1.64 -7.33
CA VAL A 177 -1.26 2.77 -8.01
C VAL A 177 -1.85 3.09 -9.37
N GLY A 178 -2.95 2.43 -9.73
CA GLY A 178 -3.60 2.69 -11.00
C GLY A 178 -4.71 1.72 -11.29
N TYR A 179 -5.21 1.82 -12.51
CA TYR A 179 -6.26 0.97 -13.00
C TYR A 179 -6.34 1.09 -14.54
N GLY A 180 -7.03 0.15 -15.16
CA GLY A 180 -7.27 0.20 -16.57
C GLY A 180 -8.03 -1.03 -17.00
N THR A 181 -7.90 -1.33 -18.30
CA THR A 181 -8.50 -2.48 -18.92
C THR A 181 -7.44 -3.13 -19.82
N LEU A 182 -7.25 -4.43 -19.61
CA LEU A 182 -6.19 -5.18 -20.29
C LEU A 182 -6.90 -6.32 -21.05
N ASP A 183 -6.89 -6.23 -22.40
CA ASP A 183 -7.52 -7.25 -23.23
C ASP A 183 -8.96 -7.45 -22.82
N GLY A 184 -9.63 -6.33 -22.59
CA GLY A 184 -11.08 -6.38 -22.30
C GLY A 184 -11.47 -6.66 -20.85
N LYS A 185 -10.47 -6.78 -19.96
CA LYS A 185 -10.69 -7.09 -18.55
C LYS A 185 -10.21 -5.95 -17.68
N ASP A 186 -11.14 -5.40 -16.91
CA ASP A 186 -10.81 -4.27 -16.04
C ASP A 186 -9.91 -4.79 -14.91
N TYR A 187 -8.95 -3.96 -14.49
CA TYR A 187 -7.99 -4.34 -13.45
C TYR A 187 -7.64 -3.15 -12.59
N TRP A 188 -7.14 -3.47 -11.39
CA TRP A 188 -6.45 -2.57 -10.49
C TRP A 188 -4.97 -2.88 -10.60
N LEU A 189 -4.15 -1.84 -10.63
CA LEU A 189 -2.71 -2.02 -10.66
C LEU A 189 -2.20 -1.95 -9.23
N VAL A 190 -1.64 -3.06 -8.77
CA VAL A 190 -1.29 -3.19 -7.36
C VAL A 190 0.24 -3.35 -7.19
N LYS A 191 0.86 -2.50 -6.38
CA LYS A 191 2.26 -2.56 -5.99
C LYS A 191 2.34 -3.40 -4.74
N ASN A 192 3.12 -4.48 -4.75
CA ASN A 192 3.37 -5.28 -3.58
C ASN A 192 4.72 -4.94 -2.97
N SER A 193 5.11 -5.68 -1.92
CA SER A 193 6.36 -5.49 -1.18
C SER A 193 7.10 -6.83 -1.07
N TRP A 194 7.14 -7.57 -2.18
N TRP A 194 7.11 -7.59 -2.17
CA TRP A 194 7.87 -8.84 -2.27
CA TRP A 194 7.87 -8.82 -2.29
C TRP A 194 9.03 -8.76 -3.26
C TRP A 194 8.88 -8.73 -3.42
N GLY A 195 9.46 -7.54 -3.59
CA GLY A 195 10.57 -7.35 -4.52
C GLY A 195 10.15 -7.47 -5.96
N LEU A 196 11.15 -7.31 -6.83
CA LEU A 196 10.92 -7.30 -8.28
C LEU A 196 10.58 -8.69 -8.81
N ASN A 197 10.90 -9.75 -8.05
CA ASN A 197 10.63 -11.11 -8.54
C ASN A 197 9.17 -11.52 -8.42
N PHE A 198 8.41 -10.77 -7.62
CA PHE A 198 6.98 -11.03 -7.49
C PHE A 198 6.21 -10.55 -8.74
N GLY A 199 5.21 -11.31 -9.20
CA GLY A 199 4.37 -10.82 -10.26
C GLY A 199 5.11 -10.32 -11.48
N ASP A 200 4.69 -9.13 -11.92
CA ASP A 200 5.29 -8.44 -13.04
C ASP A 200 6.12 -7.30 -12.49
N GLN A 201 7.39 -7.58 -12.23
CA GLN A 201 8.33 -6.60 -11.71
C GLN A 201 7.83 -5.93 -10.41
N GLY A 202 7.19 -6.72 -9.56
CA GLY A 202 6.74 -6.28 -8.26
C GLY A 202 5.26 -5.96 -8.17
N TYR A 203 4.57 -6.00 -9.32
CA TYR A 203 3.16 -5.59 -9.48
C TYR A 203 2.28 -6.74 -9.90
N ILE A 204 1.00 -6.62 -9.54
CA ILE A 204 -0.02 -7.54 -10.00
C ILE A 204 -1.23 -6.73 -10.41
N ARG A 205 -1.83 -7.10 -11.54
N ARG A 205 -1.88 -7.15 -11.50
CA ARG A 205 -3.08 -6.53 -12.00
CA ARG A 205 -3.10 -6.54 -11.99
C ARG A 205 -4.19 -7.45 -11.49
C ARG A 205 -4.28 -7.41 -11.60
N MET A 206 -5.10 -6.91 -10.68
CA MET A 206 -6.16 -7.67 -10.01
C MET A 206 -7.51 -7.28 -10.56
N ALA A 207 -8.38 -8.25 -10.77
CA ALA A 207 -9.68 -7.97 -11.33
C ALA A 207 -10.39 -6.78 -10.65
N ARG A 208 -10.90 -5.88 -11.50
CA ARG A 208 -11.70 -4.72 -11.07
C ARG A 208 -13.08 -4.85 -11.62
N ASN A 209 -14.07 -4.38 -10.85
CA ASN A 209 -15.50 -4.42 -11.15
C ASN A 209 -16.10 -5.83 -11.15
N ASN A 210 -15.44 -6.78 -10.49
CA ASN A 210 -15.98 -8.12 -10.36
C ASN A 210 -16.45 -8.34 -8.92
N LYS A 211 -17.34 -7.48 -8.46
CA LYS A 211 -18.02 -7.71 -7.20
C LYS A 211 -17.03 -7.72 -6.03
N ASN A 212 -16.15 -6.72 -6.01
CA ASN A 212 -15.18 -6.61 -4.94
C ASN A 212 -14.32 -7.88 -4.79
N HIS A 213 -13.75 -8.34 -5.90
CA HIS A 213 -13.02 -9.58 -5.90
C HIS A 213 -11.77 -9.50 -5.00
N CYS A 214 -11.52 -10.51 -4.17
CA CYS A 214 -10.42 -10.59 -3.19
C CYS A 214 -10.55 -9.52 -2.12
N GLY A 215 -11.70 -8.88 -2.03
CA GLY A 215 -11.90 -7.86 -1.01
C GLY A 215 -11.18 -6.54 -1.27
N ILE A 216 -10.74 -6.32 -2.53
CA ILE A 216 -9.83 -5.22 -2.83
C ILE A 216 -10.38 -3.82 -2.46
N ALA A 217 -11.71 -3.65 -2.48
CA ALA A 217 -12.28 -2.34 -2.14
C ALA A 217 -12.93 -2.33 -0.75
N SER A 218 -12.68 -3.37 0.06
CA SER A 218 -13.29 -3.45 1.38
C SER A 218 -12.71 -2.42 2.37
N TYR A 219 -11.40 -2.22 2.35
CA TYR A 219 -10.66 -1.46 3.34
C TYR A 219 -9.60 -0.53 2.69
N CYS A 220 -10.10 0.50 2.03
CA CYS A 220 -9.26 1.41 1.29
C CYS A 220 -9.05 2.68 2.10
N SER A 221 -7.83 3.18 2.15
CA SER A 221 -7.54 4.41 2.84
C SER A 221 -6.40 5.12 2.18
N TYR A 222 -6.32 6.43 2.38
CA TYR A 222 -5.17 7.20 1.95
C TYR A 222 -4.94 8.36 2.91
N PRO A 223 -3.68 8.73 3.13
CA PRO A 223 -3.34 9.82 4.01
C PRO A 223 -3.32 11.15 3.29
N GLU A 224 -3.37 12.23 4.09
CA GLU A 224 -3.11 13.58 3.63
C GLU A 224 -1.91 14.10 4.37
N ILE A 225 -1.08 14.81 3.65
CA ILE A 225 0.15 15.34 4.22
C ILE A 225 -0.19 16.32 5.33
F22 MG2 B . -7.05 -3.47 5.08
C5 MG2 B . -7.02 -3.44 6.40
F20 MG2 B . -7.69 -2.38 6.79
F21 MG2 B . -5.76 -3.25 6.78
C3 MG2 B . -7.63 -4.70 6.97
C23 MG2 B . -8.94 -4.65 7.56
C25 MG2 B . -9.54 -5.79 8.07
C26 MG2 B . -8.90 -6.99 8.08
C24 MG2 B . -7.63 -7.06 7.52
C4 MG2 B . -6.94 -5.95 6.96
S1 MG2 B . -5.44 -6.27 6.31
O14 MG2 B . -5.26 -5.56 5.08
O15 MG2 B . -5.36 -7.70 6.21
C2 MG2 B . -4.27 -5.79 7.46
C16 MG2 B . -4.38 -6.44 8.86
N9 MG2 B . -3.14 -7.20 9.05
C10 MG2 B . -2.53 -7.45 7.75
C8 MG2 B . -2.88 -6.19 6.96
C7 MG2 B . -1.07 -7.77 7.75
O19 MG2 B . -0.29 -7.17 8.48
N11 MG2 B . -0.75 -8.75 6.93
C6 MG2 B . 0.61 -9.28 6.80
C18 MG2 B . 0.75 -10.78 6.91
C17 MG2 B . 1.23 -9.91 8.07
C12 MG2 B . 1.56 -8.50 5.89
N13 MG2 B . 2.74 -8.89 5.68
H23 MG2 B . -9.39 -7.87 8.49
H24 MG2 B . -7.16 -8.03 7.51
H25 MG2 B . -4.29 -4.70 7.59
H26 MG2 B . -5.24 -7.11 8.91
HA MG2 B . -9.49 -3.72 7.59
HB MG2 B . -10.52 -5.71 8.52
H16 MG2 B . -4.48 -5.67 9.63
H81C MG2 B . -2.88 -6.40 5.89
H82C MG2 B . -2.16 -5.40 7.16
H9 MG2 B . -2.78 -7.50 9.94
H10 MG2 B . -3.07 -8.28 7.29
H181 MG2 B . -0.17 -11.34 7.09
H182 MG2 B . 1.53 -11.23 6.30
H171 MG2 B . 0.60 -9.91 8.96
H172 MG2 B . 2.31 -9.81 8.18
H13 MG2 B . 3.34 -8.42 5.11
#